data_8I84
#
_entry.id   8I84
#
_cell.length_a   82.755
_cell.length_b   85.153
_cell.length_c   86.815
_cell.angle_alpha   90.00
_cell.angle_beta   90.00
_cell.angle_gamma   90.00
#
_symmetry.space_group_name_H-M   'P 21 21 21'
#
loop_
_entity.id
_entity.type
_entity.pdbx_description
1 polymer 'Viomycin kinase'
2 polymer KBE-DPP-UAL-MYN-DPP-ALA
3 non-polymer 'ACETATE ION'
4 non-polymer DI(HYDROXYETHYL)ETHER
5 water water
#
loop_
_entity_poly.entity_id
_entity_poly.type
_entity_poly.pdbx_seq_one_letter_code
_entity_poly.pdbx_strand_id
1 'polypeptide(L)'
;MGILQANRVLLSRLLPGVEPEGLTVRHGQFHQVVIASDRVVCLPRTAAAAARLPRRAAVMRVLAGLDLGCRTPRPLCEGS
AEGAVELPFLVLSRVPGAPLEADALEDSKVAEVVAAQYVTLLSGLASAGADEKVRAALPAPQGRWRQFAADVRAELFPLM
SDGGCRQAERELAALDSLPDITEAVVHGNLGAENVLWVRDDGLPRLSGVIDWDEVSIGDPAEDLAAIGAGYGKDFLDQVL
TLGGWSDRRMATRIATIRATFALQQALSACRDGDEEELADGLTGYR
;
B,A
2 'polypeptide(L)' (KBE)(DPP)(UAL)(MYN)(DPP)A D
#
# COMPACT_ATOMS: atom_id res chain seq x y z
N GLY A 2 -17.64 2.75 25.40
CA GLY A 2 -16.38 3.10 26.07
C GLY A 2 -15.40 3.78 25.11
N ILE A 3 -14.85 2.99 24.19
CA ILE A 3 -13.72 3.42 23.37
C ILE A 3 -14.18 4.40 22.31
N LEU A 4 -15.29 4.07 21.64
CA LEU A 4 -15.84 4.90 20.57
C LEU A 4 -16.49 6.15 21.16
N GLN A 5 -17.20 5.97 22.27
CA GLN A 5 -17.78 7.06 23.03
C GLN A 5 -16.71 8.09 23.37
N ALA A 6 -15.66 7.64 24.06
CA ALA A 6 -14.66 8.54 24.64
C ALA A 6 -13.92 9.31 23.56
N ASN A 7 -13.71 8.70 22.40
CA ASN A 7 -12.84 9.26 21.36
C ASN A 7 -13.69 9.84 20.23
N ARG A 8 -14.95 10.16 20.55
CA ARG A 8 -15.99 10.49 19.58
C ARG A 8 -15.59 11.69 18.74
N VAL A 9 -15.02 12.72 19.39
CA VAL A 9 -14.69 13.98 18.75
C VAL A 9 -13.55 13.77 17.75
N LEU A 10 -12.48 13.12 18.19
CA LEU A 10 -11.34 12.88 17.31
C LEU A 10 -11.78 12.05 16.10
N LEU A 11 -12.62 11.03 16.35
CA LEU A 11 -13.10 10.15 15.28
C LEU A 11 -13.92 10.93 14.26
N SER A 12 -14.69 11.92 14.70
CA SER A 12 -15.49 12.71 13.76
C SER A 12 -14.61 13.61 12.90
N ARG A 13 -13.39 13.92 13.36
CA ARG A 13 -12.41 14.67 12.55
C ARG A 13 -11.75 13.75 11.54
N LEU A 14 -11.32 12.56 12.00
CA LEU A 14 -10.62 11.61 11.16
C LEU A 14 -11.56 10.95 10.17
N LEU A 15 -12.80 10.67 10.60
CA LEU A 15 -13.81 9.99 9.78
C LEU A 15 -15.07 10.86 9.71
N PRO A 16 -15.00 12.05 9.09
CA PRO A 16 -16.13 12.99 9.10
C PRO A 16 -17.34 12.38 8.40
N GLY A 17 -18.48 12.38 9.12
CA GLY A 17 -19.74 11.89 8.60
C GLY A 17 -20.00 10.42 8.90
N VAL A 18 -19.09 9.77 9.62
CA VAL A 18 -19.21 8.36 9.95
C VAL A 18 -19.69 8.25 11.38
N GLU A 19 -20.78 7.49 11.60
CA GLU A 19 -21.32 7.29 12.94
C GLU A 19 -20.39 6.36 13.69
N PRO A 20 -19.70 6.82 14.78
CA PRO A 20 -18.79 5.98 15.54
C PRO A 20 -19.42 4.70 16.09
N GLU A 21 -20.73 4.74 16.34
CA GLU A 21 -21.46 3.59 16.86
C GLU A 21 -21.56 2.47 15.82
N GLY A 22 -21.32 2.77 14.54
CA GLY A 22 -21.34 1.77 13.49
C GLY A 22 -19.95 1.25 13.10
N LEU A 23 -18.98 1.33 14.03
CA LEU A 23 -17.60 0.91 13.81
C LEU A 23 -17.27 -0.29 14.69
N THR A 24 -16.05 -0.85 14.49
CA THR A 24 -15.54 -1.94 15.30
C THR A 24 -14.16 -1.56 15.83
N VAL A 25 -13.69 -2.33 16.82
CA VAL A 25 -12.45 -2.08 17.54
C VAL A 25 -11.75 -3.41 17.80
N ARG A 26 -10.45 -3.49 17.46
CA ARG A 26 -9.60 -4.57 17.92
C ARG A 26 -8.74 -4.03 19.06
N HIS A 27 -8.60 -4.82 20.13
CA HIS A 27 -7.83 -4.42 21.30
C HIS A 27 -6.36 -4.75 21.08
N GLY A 28 -5.49 -3.77 21.32
CA GLY A 28 -4.06 -3.99 21.34
C GLY A 28 -3.50 -3.83 22.74
N GLN A 29 -2.25 -4.26 22.92
CA GLN A 29 -1.55 -4.10 24.18
C GLN A 29 -1.41 -2.60 24.50
N PHE A 30 -1.06 -1.80 23.49
CA PHE A 30 -0.72 -0.41 23.70
C PHE A 30 -1.77 0.53 23.09
N HIS A 31 -2.36 0.11 21.96
CA HIS A 31 -3.30 0.95 21.21
C HIS A 31 -4.63 0.21 21.07
N GLN A 32 -5.72 0.99 21.03
CA GLN A 32 -7.02 0.51 20.57
C GLN A 32 -7.16 0.83 19.08
N VAL A 33 -7.38 -0.19 18.24
CA VAL A 33 -7.44 0.05 16.82
C VAL A 33 -8.92 0.05 16.38
N VAL A 34 -9.34 1.19 15.86
CA VAL A 34 -10.70 1.42 15.40
C VAL A 34 -10.76 1.11 13.91
N ILE A 35 -11.68 0.21 13.52
CA ILE A 35 -11.75 -0.29 12.17
C ILE A 35 -12.91 0.38 11.44
N ALA A 36 -12.57 1.18 10.43
CA ALA A 36 -13.51 1.74 9.48
C ALA A 36 -13.48 0.86 8.23
N SER A 37 -14.22 1.26 7.19
CA SER A 37 -14.37 0.44 5.99
C SER A 37 -13.04 0.38 5.21
N ASP A 38 -12.37 1.51 5.09
CA ASP A 38 -11.24 1.65 4.19
C ASP A 38 -9.93 1.77 4.96
N ARG A 39 -10.03 1.99 6.28
CA ARG A 39 -8.86 2.35 7.06
C ARG A 39 -9.09 2.06 8.53
N VAL A 40 -8.04 2.28 9.31
CA VAL A 40 -7.90 1.78 10.66
C VAL A 40 -7.19 2.87 11.47
N VAL A 41 -7.70 3.15 12.68
CA VAL A 41 -7.18 4.21 13.53
C VAL A 41 -6.69 3.61 14.83
N CYS A 42 -5.37 3.66 15.05
CA CYS A 42 -4.80 3.24 16.32
C CYS A 42 -4.91 4.41 17.29
N LEU A 43 -5.46 4.12 18.47
CA LEU A 43 -5.63 5.09 19.55
C LEU A 43 -4.85 4.61 20.75
N PRO A 44 -3.88 5.41 21.26
CA PRO A 44 -3.06 5.00 22.39
C PRO A 44 -3.88 4.99 23.69
N ARG A 45 -3.74 3.90 24.45
CA ARG A 45 -4.42 3.70 25.72
C ARG A 45 -3.72 4.49 26.82
N THR A 46 -2.39 4.67 26.68
CA THR A 46 -1.58 5.39 27.64
C THR A 46 -0.66 6.36 26.93
N ALA A 47 0.14 7.11 27.70
CA ALA A 47 1.09 8.07 27.16
C ALA A 47 2.30 7.36 26.56
N ALA A 48 2.81 6.33 27.25
CA ALA A 48 3.88 5.50 26.73
C ALA A 48 3.49 4.95 25.35
N ALA A 49 2.22 4.55 25.20
CA ALA A 49 1.74 3.95 23.95
C ALA A 49 1.71 4.99 22.83
N ALA A 50 1.37 6.22 23.19
CA ALA A 50 1.36 7.32 22.25
C ALA A 50 2.80 7.63 21.82
N ALA A 51 3.74 7.48 22.77
CA ALA A 51 5.16 7.71 22.49
C ALA A 51 5.73 6.62 21.60
N ARG A 52 4.97 5.53 21.41
CA ARG A 52 5.39 4.41 20.57
C ARG A 52 4.99 4.60 19.10
N LEU A 53 3.99 5.45 18.83
CA LEU A 53 3.36 5.50 17.52
C LEU A 53 4.30 6.08 16.46
N PRO A 54 5.18 7.08 16.76
CA PRO A 54 6.15 7.56 15.77
C PRO A 54 7.02 6.45 15.18
N ARG A 55 7.46 5.52 16.03
CA ARG A 55 8.28 4.39 15.58
C ARG A 55 7.41 3.41 14.78
N ARG A 56 6.20 3.13 15.28
CA ARG A 56 5.24 2.26 14.60
C ARG A 56 4.98 2.76 13.19
N ALA A 57 4.89 4.08 13.02
CA ALA A 57 4.66 4.66 11.71
C ALA A 57 5.81 4.33 10.76
N ALA A 58 7.04 4.38 11.30
CA ALA A 58 8.24 4.08 10.53
C ALA A 58 8.29 2.59 10.19
N VAL A 59 7.92 1.76 11.17
CA VAL A 59 7.89 0.32 10.94
C VAL A 59 6.86 -0.04 9.88
N MET A 60 5.70 0.63 9.86
CA MET A 60 4.67 0.25 8.89
C MET A 60 5.06 0.74 7.50
N ARG A 61 5.81 1.85 7.45
CA ARG A 61 6.37 2.36 6.21
C ARG A 61 7.42 1.39 5.65
N VAL A 62 8.24 0.82 6.52
CA VAL A 62 9.26 -0.11 6.05
C VAL A 62 8.57 -1.36 5.50
N LEU A 63 7.55 -1.85 6.22
CA LEU A 63 6.78 -3.01 5.77
C LEU A 63 6.09 -2.71 4.42
N ALA A 64 5.63 -1.47 4.23
CA ALA A 64 4.97 -1.08 3.00
C ALA A 64 5.88 -1.22 1.78
N GLY A 65 7.20 -1.06 1.96
CA GLY A 65 8.14 -1.08 0.85
C GLY A 65 8.77 -2.45 0.60
N LEU A 66 8.42 -3.47 1.40
CA LEU A 66 9.01 -4.80 1.22
C LEU A 66 8.34 -5.52 0.06
N ASP A 67 9.04 -6.55 -0.41
CA ASP A 67 8.64 -7.35 -1.55
C ASP A 67 8.05 -8.66 -1.02
N LEU A 68 6.76 -8.62 -0.66
CA LEU A 68 6.15 -9.72 0.07
C LEU A 68 5.16 -10.48 -0.80
N GLY A 69 4.83 -9.92 -1.97
CA GLY A 69 3.83 -10.50 -2.86
C GLY A 69 2.40 -10.17 -2.45
N CYS A 70 2.22 -9.20 -1.53
CA CYS A 70 0.89 -8.86 -1.02
C CYS A 70 0.89 -7.50 -0.33
N ARG A 71 -0.28 -7.09 0.17
CA ARG A 71 -0.44 -5.80 0.81
C ARG A 71 -0.12 -5.88 2.31
N THR A 72 0.18 -4.71 2.89
CA THR A 72 0.39 -4.51 4.31
C THR A 72 -0.37 -3.24 4.66
N PRO A 73 -0.77 -2.99 5.93
CA PRO A 73 -1.48 -1.76 6.26
C PRO A 73 -0.54 -0.57 6.11
N ARG A 74 -0.93 0.36 5.23
CA ARG A 74 -0.08 1.46 4.82
C ARG A 74 -0.32 2.64 5.75
N PRO A 75 0.75 3.25 6.33
CA PRO A 75 0.58 4.43 7.18
C PRO A 75 0.15 5.63 6.34
N LEU A 76 -0.88 6.34 6.83
CA LEU A 76 -1.53 7.42 6.12
C LEU A 76 -1.13 8.78 6.68
N CYS A 77 -0.16 8.81 7.59
CA CYS A 77 0.41 10.05 8.10
C CYS A 77 1.48 10.56 7.15
N GLU A 78 1.94 11.77 7.42
CA GLU A 78 3.10 12.29 6.71
C GLU A 78 4.35 11.69 7.34
N GLY A 79 5.38 11.54 6.51
CA GLY A 79 6.68 11.03 6.92
C GLY A 79 7.23 11.70 8.18
N SER A 80 6.94 13.00 8.34
CA SER A 80 7.50 13.79 9.42
C SER A 80 6.95 13.34 10.77
N ALA A 81 5.80 12.64 10.77
CA ALA A 81 5.16 12.13 11.97
C ALA A 81 6.09 11.16 12.71
N GLU A 82 7.06 10.59 11.99
CA GLU A 82 7.98 9.62 12.55
C GLU A 82 8.96 10.27 13.53
N GLY A 83 9.12 11.60 13.45
CA GLY A 83 10.07 12.31 14.28
C GLY A 83 9.43 13.00 15.49
N ALA A 84 8.13 12.74 15.71
CA ALA A 84 7.41 13.29 16.84
C ALA A 84 7.79 12.53 18.11
N VAL A 85 7.58 13.16 19.27
CA VAL A 85 7.77 12.50 20.55
C VAL A 85 6.62 11.53 20.79
N GLU A 86 5.46 11.83 20.20
CA GLU A 86 4.24 11.14 20.51
C GLU A 86 3.23 11.50 19.42
N LEU A 87 2.28 10.59 19.17
CA LEU A 87 1.18 10.88 18.27
C LEU A 87 -0.12 10.51 18.98
N PRO A 88 -1.18 11.35 18.88
CA PRO A 88 -2.47 11.03 19.49
C PRO A 88 -3.24 9.92 18.76
N PHE A 89 -2.80 9.57 17.54
CA PHE A 89 -3.39 8.50 16.76
C PHE A 89 -2.48 8.13 15.61
N LEU A 90 -2.77 6.99 14.96
CA LEU A 90 -2.11 6.62 13.72
C LEU A 90 -3.14 5.95 12.80
N VAL A 91 -3.25 6.49 11.59
CA VAL A 91 -4.18 5.99 10.59
C VAL A 91 -3.42 5.06 9.64
N LEU A 92 -3.99 3.88 9.38
CA LEU A 92 -3.41 2.91 8.47
C LEU A 92 -4.47 2.52 7.44
N SER A 93 -4.03 2.20 6.22
CA SER A 93 -4.93 1.63 5.22
C SER A 93 -5.44 0.28 5.73
N ARG A 94 -6.66 -0.06 5.35
CA ARG A 94 -7.21 -1.35 5.70
C ARG A 94 -6.89 -2.32 4.55
N VAL A 95 -6.40 -3.51 4.88
CA VAL A 95 -6.18 -4.54 3.88
C VAL A 95 -7.52 -5.21 3.59
N PRO A 96 -7.90 -5.39 2.30
CA PRO A 96 -9.13 -6.09 1.95
C PRO A 96 -9.03 -7.62 2.05
N GLY A 97 -10.19 -8.28 1.96
CA GLY A 97 -10.28 -9.73 1.92
C GLY A 97 -10.57 -10.33 3.28
N ALA A 98 -10.57 -11.66 3.37
CA ALA A 98 -11.06 -12.36 4.55
C ALA A 98 -10.14 -13.53 4.91
N PRO A 99 -10.11 -13.95 6.19
CA PRO A 99 -9.43 -15.18 6.58
C PRO A 99 -9.85 -16.38 5.75
N LEU A 100 -8.97 -17.38 5.69
CA LEU A 100 -9.25 -18.61 4.98
C LEU A 100 -9.74 -19.68 5.95
N GLU A 101 -10.88 -20.28 5.62
CA GLU A 101 -11.40 -21.46 6.31
C GLU A 101 -10.38 -22.60 6.17
N ALA A 102 -10.03 -23.25 7.29
CA ALA A 102 -9.05 -24.33 7.30
C ALA A 102 -9.50 -25.47 6.39
N ASP A 103 -10.82 -25.73 6.36
CA ASP A 103 -11.37 -26.86 5.62
C ASP A 103 -11.17 -26.66 4.12
N ALA A 104 -10.96 -25.41 3.68
CA ALA A 104 -10.71 -25.12 2.26
C ALA A 104 -9.42 -25.79 1.79
N LEU A 105 -8.54 -26.19 2.72
CA LEU A 105 -7.31 -26.86 2.38
C LEU A 105 -7.52 -28.36 2.14
N GLU A 106 -8.78 -28.82 2.19
CA GLU A 106 -9.13 -30.20 1.85
C GLU A 106 -8.98 -30.44 0.35
N ASP A 107 -9.30 -29.44 -0.49
CA ASP A 107 -8.87 -29.47 -1.87
C ASP A 107 -7.36 -29.30 -1.89
N SER A 108 -6.66 -30.22 -2.58
CA SER A 108 -5.21 -30.26 -2.53
C SER A 108 -4.60 -29.24 -3.50
N LYS A 109 -5.39 -28.80 -4.49
CA LYS A 109 -4.93 -27.78 -5.42
C LYS A 109 -5.01 -26.42 -4.73
N VAL A 110 -6.07 -26.21 -3.96
CA VAL A 110 -6.22 -25.02 -3.15
C VAL A 110 -5.06 -24.93 -2.17
N ALA A 111 -4.78 -26.06 -1.50
CA ALA A 111 -3.69 -26.14 -0.53
C ALA A 111 -2.37 -25.78 -1.21
N GLU A 112 -2.13 -26.32 -2.42
CA GLU A 112 -0.89 -26.07 -3.14
C GLU A 112 -0.71 -24.57 -3.35
N VAL A 113 -1.78 -23.92 -3.86
CA VAL A 113 -1.74 -22.51 -4.20
C VAL A 113 -1.54 -21.69 -2.92
N VAL A 114 -2.30 -22.02 -1.87
CA VAL A 114 -2.26 -21.26 -0.64
C VAL A 114 -0.84 -21.33 -0.07
N ALA A 115 -0.28 -22.54 -0.05
CA ALA A 115 1.05 -22.77 0.48
C ALA A 115 2.07 -21.94 -0.30
N ALA A 116 1.92 -21.94 -1.65
CA ALA A 116 2.81 -21.22 -2.53
C ALA A 116 2.89 -19.75 -2.11
N GLN A 117 1.72 -19.17 -1.79
CA GLN A 117 1.64 -17.75 -1.54
C GLN A 117 2.19 -17.44 -0.14
N TYR A 118 1.96 -18.36 0.81
CA TYR A 118 2.59 -18.27 2.11
C TYR A 118 4.11 -18.23 1.92
N VAL A 119 4.62 -19.10 1.03
CA VAL A 119 6.04 -19.20 0.78
C VAL A 119 6.57 -17.88 0.25
N THR A 120 5.82 -17.26 -0.68
CA THR A 120 6.21 -15.97 -1.24
C THR A 120 6.29 -14.93 -0.12
N LEU A 121 5.29 -14.92 0.77
CA LEU A 121 5.26 -13.98 1.87
C LEU A 121 6.49 -14.18 2.78
N LEU A 122 6.76 -15.43 3.15
CA LEU A 122 7.76 -15.73 4.15
C LEU A 122 9.17 -15.57 3.57
N SER A 123 9.31 -15.79 2.26
CA SER A 123 10.60 -15.65 1.59
C SER A 123 11.00 -14.18 1.56
N GLY A 124 10.02 -13.32 1.25
CA GLY A 124 10.20 -11.88 1.30
C GLY A 124 10.53 -11.39 2.71
N LEU A 125 9.86 -11.95 3.72
CA LEU A 125 10.15 -11.59 5.10
C LEU A 125 11.57 -12.05 5.47
N ALA A 126 11.92 -13.26 5.04
CA ALA A 126 13.26 -13.78 5.30
C ALA A 126 14.33 -12.90 4.67
N SER A 127 14.17 -12.56 3.38
CA SER A 127 15.19 -11.83 2.65
C SER A 127 15.34 -10.44 3.25
N ALA A 128 14.20 -9.80 3.56
CA ALA A 128 14.20 -8.49 4.19
C ALA A 128 14.93 -8.52 5.53
N GLY A 129 14.82 -9.65 6.24
CA GLY A 129 15.53 -9.82 7.49
C GLY A 129 17.03 -9.71 7.29
N ALA A 130 17.50 -10.25 6.17
CA ALA A 130 18.92 -10.29 5.83
C ALA A 130 19.40 -8.95 5.27
N ASP A 131 18.51 -7.95 5.20
CA ASP A 131 18.85 -6.62 4.71
C ASP A 131 19.18 -5.71 5.90
N GLU A 132 20.33 -5.02 5.82
CA GLU A 132 20.88 -4.23 6.92
C GLU A 132 19.98 -3.04 7.30
N LYS A 133 19.42 -2.35 6.30
CA LYS A 133 18.62 -1.16 6.55
C LYS A 133 17.30 -1.52 7.24
N VAL A 134 16.78 -2.73 6.97
CA VAL A 134 15.56 -3.21 7.61
C VAL A 134 15.88 -3.63 9.04
N ARG A 135 16.97 -4.41 9.18
CA ARG A 135 17.44 -4.88 10.48
C ARG A 135 17.56 -3.70 11.45
N ALA A 136 18.04 -2.56 10.95
CA ALA A 136 18.27 -1.38 11.77
C ALA A 136 16.94 -0.71 12.17
N ALA A 137 15.84 -1.05 11.48
CA ALA A 137 14.58 -0.32 11.64
C ALA A 137 13.60 -1.06 12.56
N LEU A 138 13.77 -2.38 12.75
CA LEU A 138 12.81 -3.15 13.53
C LEU A 138 13.41 -3.59 14.87
N PRO A 139 12.55 -3.88 15.88
CA PRO A 139 13.02 -4.44 17.15
C PRO A 139 13.66 -5.81 16.95
N ALA A 140 14.78 -6.05 17.66
CA ALA A 140 15.45 -7.34 17.61
C ALA A 140 15.81 -7.80 19.03
N PRO A 141 14.81 -8.05 19.91
CA PRO A 141 15.09 -8.43 21.30
C PRO A 141 15.82 -9.77 21.38
N GLN A 142 16.73 -9.87 22.36
CA GLN A 142 17.51 -11.09 22.58
C GLN A 142 16.91 -11.84 23.77
N GLY A 143 17.13 -13.16 23.81
CA GLY A 143 16.61 -14.00 24.87
C GLY A 143 15.10 -13.82 25.08
N ARG A 144 14.36 -13.69 23.97
CA ARG A 144 12.93 -13.44 24.05
C ARG A 144 12.19 -14.68 24.52
N TRP A 145 12.74 -15.88 24.29
CA TRP A 145 12.07 -17.12 24.66
C TRP A 145 12.12 -17.31 26.17
N ARG A 146 13.31 -17.16 26.74
CA ARG A 146 13.47 -17.22 28.21
C ARG A 146 12.53 -16.20 28.86
N GLN A 147 12.51 -14.97 28.33
CA GLN A 147 11.68 -13.95 28.92
C GLN A 147 10.19 -14.24 28.71
N PHE A 148 9.83 -14.80 27.55
CA PHE A 148 8.45 -15.14 27.28
C PHE A 148 7.95 -16.12 28.34
N ALA A 149 8.77 -17.14 28.61
CA ALA A 149 8.46 -18.17 29.59
C ALA A 149 8.26 -17.51 30.95
N ALA A 150 9.19 -16.62 31.33
CA ALA A 150 9.07 -15.91 32.60
C ALA A 150 7.75 -15.16 32.67
N ASP A 151 7.33 -14.55 31.55
CA ASP A 151 6.12 -13.75 31.53
C ASP A 151 4.87 -14.63 31.62
N VAL A 152 4.90 -15.80 30.96
CA VAL A 152 3.77 -16.72 31.02
C VAL A 152 3.54 -17.14 32.47
N ARG A 153 4.61 -17.54 33.16
CA ARG A 153 4.52 -18.01 34.53
C ARG A 153 4.01 -16.89 35.43
N ALA A 154 4.51 -15.66 35.23
CA ALA A 154 4.10 -14.52 36.06
C ALA A 154 2.63 -14.19 35.82
N GLU A 155 2.19 -14.18 34.55
CA GLU A 155 0.94 -13.51 34.18
C GLU A 155 -0.19 -14.49 33.88
N LEU A 156 0.12 -15.73 33.47
CA LEU A 156 -0.91 -16.67 33.08
C LEU A 156 -1.08 -17.81 34.10
N PHE A 157 0.02 -18.23 34.73
CA PHE A 157 -0.04 -19.33 35.70
C PHE A 157 -1.10 -19.03 36.76
N PRO A 158 -1.10 -17.83 37.38
CA PRO A 158 -2.17 -17.49 38.35
C PRO A 158 -3.59 -17.74 37.84
N LEU A 159 -3.76 -17.73 36.51
CA LEU A 159 -5.07 -17.90 35.89
C LEU A 159 -5.31 -19.35 35.48
N MET A 160 -4.37 -20.25 35.80
CA MET A 160 -4.44 -21.63 35.33
C MET A 160 -4.78 -22.56 36.50
N SER A 161 -4.99 -23.85 36.16
CA SER A 161 -5.05 -24.93 37.14
C SER A 161 -3.64 -25.47 37.36
N ASP A 162 -3.48 -26.29 38.41
CA ASP A 162 -2.24 -27.00 38.70
C ASP A 162 -1.89 -27.89 37.51
N GLY A 163 -2.90 -28.56 36.95
CA GLY A 163 -2.72 -29.43 35.80
C GLY A 163 -2.30 -28.64 34.55
N GLY A 164 -2.96 -27.50 34.34
CA GLY A 164 -2.58 -26.58 33.27
C GLY A 164 -1.15 -26.06 33.44
N CYS A 165 -0.77 -25.74 34.69
CA CYS A 165 0.55 -25.23 34.98
C CYS A 165 1.61 -26.30 34.73
N ARG A 166 1.25 -27.59 34.87
CA ARG A 166 2.18 -28.68 34.61
C ARG A 166 2.38 -28.84 33.09
N GLN A 167 1.28 -28.79 32.33
CA GLN A 167 1.33 -28.86 30.88
C GLN A 167 2.18 -27.72 30.32
N ALA A 168 1.97 -26.50 30.82
CA ALA A 168 2.74 -25.35 30.34
C ALA A 168 4.22 -25.54 30.66
N GLU A 169 4.51 -26.08 31.83
CA GLU A 169 5.89 -26.19 32.31
C GLU A 169 6.74 -26.98 31.32
N ARG A 170 6.20 -28.09 30.80
CA ARG A 170 6.94 -28.89 29.85
C ARG A 170 7.17 -28.05 28.60
N GLU A 171 6.11 -27.39 28.12
CA GLU A 171 6.14 -26.61 26.89
C GLU A 171 7.16 -25.47 27.00
N LEU A 172 7.23 -24.85 28.18
CA LEU A 172 8.15 -23.74 28.40
C LEU A 172 9.59 -24.24 28.56
N ALA A 173 9.76 -25.52 28.90
CA ALA A 173 11.05 -26.06 29.27
C ALA A 173 12.00 -26.08 28.07
N ALA A 174 11.47 -26.44 26.90
CA ALA A 174 12.29 -26.58 25.70
C ALA A 174 12.82 -25.21 25.25
N LEU A 175 12.16 -24.13 25.67
CA LEU A 175 12.42 -22.81 25.13
C LEU A 175 13.83 -22.31 25.45
N ASP A 176 14.39 -22.70 26.58
CA ASP A 176 15.73 -22.24 26.95
C ASP A 176 16.74 -22.90 26.01
N SER A 177 16.34 -24.02 25.39
CA SER A 177 17.20 -24.77 24.51
C SER A 177 17.25 -24.14 23.12
N LEU A 178 16.21 -23.37 22.76
CA LEU A 178 16.08 -22.80 21.43
C LEU A 178 17.28 -21.90 21.14
N PRO A 179 17.96 -22.04 19.97
CA PRO A 179 18.92 -21.03 19.54
C PRO A 179 18.16 -19.73 19.34
N ASP A 180 18.84 -18.60 19.53
CA ASP A 180 18.22 -17.29 19.44
C ASP A 180 18.46 -16.71 18.05
N ILE A 181 17.50 -16.94 17.15
CA ILE A 181 17.62 -16.60 15.74
C ILE A 181 17.03 -15.21 15.50
N THR A 182 17.82 -14.31 14.92
CA THR A 182 17.35 -13.01 14.47
C THR A 182 17.75 -12.84 13.00
N GLU A 183 17.10 -13.60 12.11
CA GLU A 183 17.51 -13.70 10.72
C GLU A 183 16.44 -13.18 9.75
N ALA A 184 15.20 -13.00 10.22
CA ALA A 184 14.06 -12.77 9.34
C ALA A 184 13.17 -11.70 9.95
N VAL A 185 12.48 -10.93 9.11
CA VAL A 185 11.33 -10.19 9.62
C VAL A 185 10.29 -11.23 10.01
N VAL A 186 9.84 -11.12 11.27
CA VAL A 186 8.88 -12.04 11.83
C VAL A 186 7.65 -11.23 12.26
N HIS A 187 6.51 -11.63 11.69
CA HIS A 187 5.22 -11.03 11.96
C HIS A 187 4.90 -11.14 13.45
N GLY A 188 5.07 -12.35 14.00
CA GLY A 188 4.91 -12.58 15.42
C GLY A 188 3.50 -13.01 15.82
N ASN A 189 2.54 -12.96 14.89
CA ASN A 189 1.19 -13.38 15.20
C ASN A 189 0.48 -13.84 13.93
N LEU A 190 1.12 -14.73 13.16
CA LEU A 190 0.65 -15.01 11.81
C LEU A 190 -0.40 -16.12 11.82
N GLY A 191 -1.38 -16.01 12.73
CA GLY A 191 -2.56 -16.86 12.69
C GLY A 191 -3.41 -16.56 11.47
N ALA A 192 -4.37 -17.44 11.18
CA ALA A 192 -5.20 -17.39 9.99
C ALA A 192 -6.05 -16.12 9.93
N GLU A 193 -6.39 -15.57 11.09
CA GLU A 193 -7.24 -14.39 11.17
C GLU A 193 -6.49 -13.15 10.65
N ASN A 194 -5.15 -13.15 10.69
CA ASN A 194 -4.39 -12.00 10.23
C ASN A 194 -3.96 -12.14 8.77
N VAL A 195 -4.38 -13.22 8.09
CA VAL A 195 -3.96 -13.48 6.72
C VAL A 195 -5.20 -13.48 5.83
N LEU A 196 -5.24 -12.50 4.93
CA LEU A 196 -6.46 -12.14 4.23
C LEU A 196 -6.36 -12.52 2.76
N TRP A 197 -7.46 -13.06 2.24
CA TRP A 197 -7.52 -13.66 0.92
C TRP A 197 -8.67 -13.06 0.15
N VAL A 198 -8.55 -13.08 -1.19
CA VAL A 198 -9.67 -12.88 -2.08
C VAL A 198 -10.04 -14.22 -2.73
N ARG A 199 -11.33 -14.56 -2.61
CA ARG A 199 -11.92 -15.70 -3.31
C ARG A 199 -13.16 -15.24 -4.08
N ASP A 200 -13.17 -13.96 -4.45
CA ASP A 200 -14.21 -13.41 -5.31
C ASP A 200 -14.13 -14.12 -6.66
N ASP A 201 -12.92 -14.58 -6.99
CA ASP A 201 -12.63 -15.19 -8.27
C ASP A 201 -11.53 -16.22 -8.08
N GLY A 202 -11.83 -17.45 -8.53
CA GLY A 202 -10.83 -18.50 -8.69
C GLY A 202 -10.36 -19.09 -7.37
N LEU A 203 -9.14 -19.62 -7.38
CA LEU A 203 -8.55 -20.15 -6.17
C LEU A 203 -8.19 -18.99 -5.25
N PRO A 204 -8.06 -19.22 -3.93
CA PRO A 204 -7.64 -18.17 -3.00
C PRO A 204 -6.36 -17.47 -3.41
N ARG A 205 -6.42 -16.14 -3.38
CA ARG A 205 -5.32 -15.27 -3.77
C ARG A 205 -5.03 -14.39 -2.56
N LEU A 206 -3.76 -14.36 -2.15
CA LEU A 206 -3.37 -13.67 -0.93
C LEU A 206 -3.55 -12.17 -1.17
N SER A 207 -4.37 -11.55 -0.32
CA SER A 207 -4.66 -10.13 -0.44
C SER A 207 -3.62 -9.35 0.37
N GLY A 208 -3.49 -9.72 1.65
CA GLY A 208 -2.49 -9.11 2.50
C GLY A 208 -2.50 -9.67 3.92
N VAL A 209 -1.65 -9.05 4.75
CA VAL A 209 -1.45 -9.43 6.14
C VAL A 209 -1.70 -8.21 7.01
N ILE A 210 -2.26 -8.45 8.20
CA ILE A 210 -2.68 -7.39 9.10
C ILE A 210 -2.16 -7.71 10.50
N ASP A 211 -2.35 -6.75 11.41
CA ASP A 211 -2.01 -6.90 12.82
C ASP A 211 -0.52 -7.20 12.95
N TRP A 212 0.30 -6.19 12.66
CA TRP A 212 1.74 -6.32 12.73
C TRP A 212 2.30 -5.86 14.08
N ASP A 213 1.49 -5.86 15.13
CA ASP A 213 1.88 -5.27 16.41
C ASP A 213 3.17 -5.90 16.96
N GLU A 214 3.39 -7.20 16.74
CA GLU A 214 4.49 -7.91 17.38
C GLU A 214 5.67 -8.12 16.41
N VAL A 215 5.62 -7.48 15.24
CA VAL A 215 6.66 -7.64 14.25
C VAL A 215 8.03 -7.33 14.85
N SER A 216 9.02 -8.12 14.44
CA SER A 216 10.40 -7.94 14.84
C SER A 216 11.32 -8.60 13.83
N ILE A 217 12.63 -8.41 14.04
CA ILE A 217 13.63 -9.30 13.45
C ILE A 217 13.77 -10.47 14.42
N GLY A 218 13.55 -11.70 13.91
CA GLY A 218 13.58 -12.88 14.75
C GLY A 218 13.73 -14.18 13.97
N ASP A 219 13.14 -15.24 14.53
CA ASP A 219 13.25 -16.58 14.01
C ASP A 219 12.03 -16.89 13.14
N PRO A 220 12.19 -17.24 11.85
CA PRO A 220 11.05 -17.55 10.97
C PRO A 220 10.16 -18.68 11.50
N ALA A 221 10.76 -19.53 12.34
CA ALA A 221 10.08 -20.66 12.95
C ALA A 221 8.83 -20.20 13.71
N GLU A 222 8.84 -18.93 14.17
CA GLU A 222 7.73 -18.38 14.93
C GLU A 222 6.49 -18.27 14.05
N ASP A 223 6.69 -17.83 12.80
CA ASP A 223 5.59 -17.60 11.89
C ASP A 223 5.12 -18.94 11.32
N LEU A 224 6.07 -19.85 11.13
CA LEU A 224 5.77 -21.18 10.63
C LEU A 224 4.98 -21.98 11.68
N ALA A 225 5.35 -21.80 12.96
CA ALA A 225 4.64 -22.39 14.07
C ALA A 225 3.18 -21.94 14.08
N ALA A 226 2.97 -20.63 13.87
CA ALA A 226 1.63 -20.06 13.85
C ALA A 226 0.79 -20.79 12.80
N ILE A 227 1.36 -20.95 11.60
CA ILE A 227 0.67 -21.64 10.51
C ILE A 227 0.39 -23.09 10.92
N GLY A 228 1.38 -23.74 11.52
CA GLY A 228 1.24 -25.10 12.02
C GLY A 228 0.08 -25.22 13.00
N ALA A 229 0.05 -24.31 13.99
CA ALA A 229 -0.96 -24.31 15.03
C ALA A 229 -2.37 -24.24 14.42
N GLY A 230 -2.52 -23.39 13.40
CA GLY A 230 -3.82 -23.15 12.81
C GLY A 230 -4.23 -24.25 11.83
N TYR A 231 -3.28 -24.72 11.01
CA TYR A 231 -3.63 -25.48 9.83
C TYR A 231 -3.12 -26.92 9.90
N GLY A 232 -2.09 -27.19 10.72
CA GLY A 232 -1.69 -28.56 10.99
C GLY A 232 -0.47 -29.01 10.19
N LYS A 233 -0.07 -30.26 10.47
CA LYS A 233 1.21 -30.85 10.09
C LYS A 233 1.35 -30.93 8.58
N ASP A 234 0.33 -31.49 7.91
CA ASP A 234 0.41 -31.79 6.51
C ASP A 234 0.61 -30.50 5.73
N PHE A 235 -0.28 -29.54 5.97
CA PHE A 235 -0.23 -28.26 5.29
C PHE A 235 1.10 -27.57 5.61
N LEU A 236 1.53 -27.61 6.87
CA LEU A 236 2.79 -26.98 7.25
C LEU A 236 3.92 -27.61 6.44
N ASP A 237 3.95 -28.94 6.39
CA ASP A 237 4.98 -29.66 5.64
C ASP A 237 4.99 -29.19 4.19
N GLN A 238 3.80 -28.93 3.65
CA GLN A 238 3.70 -28.41 2.29
C GLN A 238 4.45 -27.08 2.17
N VAL A 239 4.31 -26.22 3.19
CA VAL A 239 4.93 -24.91 3.13
C VAL A 239 6.45 -25.06 3.29
N LEU A 240 6.87 -26.00 4.13
CA LEU A 240 8.28 -26.20 4.39
C LEU A 240 8.96 -26.77 3.15
N THR A 241 8.30 -27.73 2.50
CA THR A 241 8.82 -28.36 1.29
C THR A 241 8.98 -27.31 0.19
N LEU A 242 7.89 -26.62 -0.13
CA LEU A 242 7.87 -25.62 -1.19
C LEU A 242 8.86 -24.49 -0.88
N GLY A 243 9.08 -24.19 0.41
CA GLY A 243 9.93 -23.09 0.80
C GLY A 243 11.40 -23.48 0.89
N GLY A 244 11.67 -24.79 0.95
CA GLY A 244 13.01 -25.27 1.22
C GLY A 244 13.39 -25.08 2.69
N TRP A 245 12.42 -25.31 3.58
CA TRP A 245 12.63 -25.11 5.01
C TRP A 245 12.30 -26.38 5.79
N SER A 246 12.50 -27.56 5.16
CA SER A 246 12.02 -28.81 5.74
C SER A 246 13.14 -29.51 6.52
N ASP A 247 14.28 -28.84 6.70
CA ASP A 247 15.40 -29.43 7.42
C ASP A 247 15.00 -29.64 8.88
N ARG A 248 15.73 -30.54 9.54
CA ARG A 248 15.36 -31.07 10.83
C ARG A 248 15.50 -30.00 11.90
N ARG A 249 16.56 -29.18 11.82
CA ARG A 249 16.77 -28.07 12.72
C ARG A 249 15.55 -27.16 12.75
N MET A 250 15.12 -26.74 11.56
CA MET A 250 14.00 -25.83 11.41
C MET A 250 12.72 -26.51 11.92
N ALA A 251 12.51 -27.76 11.50
CA ALA A 251 11.31 -28.50 11.89
C ALA A 251 11.23 -28.62 13.41
N THR A 252 12.40 -28.70 14.06
CA THR A 252 12.47 -28.93 15.50
C THR A 252 12.13 -27.62 16.23
N ARG A 253 12.58 -26.49 15.69
CA ARG A 253 12.26 -25.22 16.32
C ARG A 253 10.76 -24.96 16.17
N ILE A 254 10.21 -25.25 15.00
CA ILE A 254 8.78 -25.06 14.77
C ILE A 254 7.97 -25.82 15.83
N ALA A 255 8.31 -27.09 16.04
CA ALA A 255 7.57 -27.97 16.93
C ALA A 255 7.59 -27.42 18.35
N THR A 256 8.76 -26.92 18.75
CA THR A 256 8.99 -26.40 20.09
C THR A 256 8.15 -25.13 20.30
N ILE A 257 8.18 -24.24 19.31
CA ILE A 257 7.53 -22.95 19.41
C ILE A 257 6.02 -23.15 19.28
N ARG A 258 5.66 -24.06 18.39
CA ARG A 258 4.26 -24.38 18.13
C ARG A 258 3.57 -24.82 19.42
N ALA A 259 4.28 -25.55 20.29
CA ALA A 259 3.72 -26.04 21.54
C ALA A 259 3.43 -24.91 22.53
N THR A 260 3.96 -23.70 22.26
CA THR A 260 3.74 -22.56 23.14
C THR A 260 2.73 -21.59 22.54
N PHE A 261 2.22 -21.87 21.33
CA PHE A 261 1.58 -20.82 20.55
C PHE A 261 0.24 -20.42 21.17
N ALA A 262 -0.50 -21.36 21.76
CA ALA A 262 -1.72 -21.00 22.45
C ALA A 262 -1.40 -20.05 23.61
N LEU A 263 -0.26 -20.30 24.27
CA LEU A 263 0.18 -19.49 25.39
C LEU A 263 0.61 -18.09 24.91
N GLN A 264 1.10 -17.99 23.67
CA GLN A 264 1.39 -16.69 23.08
C GLN A 264 0.10 -15.90 22.90
N GLN A 265 -0.96 -16.62 22.49
CA GLN A 265 -2.26 -16.00 22.23
C GLN A 265 -2.94 -15.62 23.55
N ALA A 266 -2.81 -16.47 24.57
CA ALA A 266 -3.33 -16.18 25.90
C ALA A 266 -2.60 -14.97 26.52
N LEU A 267 -1.27 -14.92 26.39
CA LEU A 267 -0.49 -13.85 27.00
C LEU A 267 -0.86 -12.50 26.38
N SER A 268 -1.12 -12.49 25.06
CA SER A 268 -1.54 -11.30 24.35
C SER A 268 -2.95 -10.88 24.80
N ALA A 269 -3.88 -11.83 24.76
CA ALA A 269 -5.26 -11.62 25.19
C ALA A 269 -5.29 -11.00 26.59
N CYS A 270 -4.46 -11.55 27.48
CA CYS A 270 -4.34 -11.08 28.85
C CYS A 270 -3.91 -9.60 28.85
N ARG A 271 -2.86 -9.28 28.11
CA ARG A 271 -2.25 -7.95 28.16
C ARG A 271 -3.11 -6.88 27.45
N ASP A 272 -3.94 -7.30 26.50
CA ASP A 272 -4.77 -6.34 25.76
C ASP A 272 -6.22 -6.42 26.24
N GLY A 273 -6.46 -7.20 27.30
CA GLY A 273 -7.78 -7.28 27.91
C GLY A 273 -8.84 -7.79 26.95
N ASP A 274 -8.49 -8.78 26.12
CA ASP A 274 -9.47 -9.46 25.29
C ASP A 274 -9.84 -10.77 25.97
N GLU A 275 -11.03 -10.79 26.58
CA GLU A 275 -11.39 -11.81 27.57
C GLU A 275 -11.79 -13.10 26.88
N GLU A 276 -12.36 -13.00 25.66
CA GLU A 276 -12.74 -14.17 24.89
C GLU A 276 -11.50 -14.82 24.28
N GLU A 277 -10.56 -13.97 23.83
CA GLU A 277 -9.32 -14.41 23.23
C GLU A 277 -8.43 -15.05 24.30
N LEU A 278 -8.66 -14.66 25.57
CA LEU A 278 -7.94 -15.24 26.70
C LEU A 278 -8.50 -16.62 27.01
N ALA A 279 -9.83 -16.72 27.11
CA ALA A 279 -10.53 -17.97 27.34
C ALA A 279 -10.04 -19.02 26.35
N ASP A 280 -10.04 -18.67 25.06
CA ASP A 280 -9.62 -19.55 24.00
C ASP A 280 -8.17 -20.01 24.21
N GLY A 281 -7.27 -19.04 24.40
CA GLY A 281 -5.85 -19.33 24.59
C GLY A 281 -5.58 -20.23 25.79
N LEU A 282 -6.44 -20.13 26.82
CA LEU A 282 -6.29 -20.88 28.06
C LEU A 282 -7.06 -22.20 28.01
N THR A 283 -7.65 -22.55 26.85
CA THR A 283 -8.35 -23.82 26.71
C THR A 283 -7.37 -24.95 27.04
N GLY A 284 -7.76 -25.81 28.00
CA GLY A 284 -6.97 -26.97 28.35
C GLY A 284 -5.87 -26.67 29.38
N TYR A 285 -5.69 -25.40 29.75
CA TYR A 285 -4.82 -25.02 30.85
C TYR A 285 -5.67 -24.63 32.06
N ARG A 286 -6.98 -24.51 31.85
CA ARG A 286 -7.97 -24.24 32.89
C ARG A 286 -7.43 -23.20 33.88
N MET B 1 -5.37 -14.96 -30.92
CA MET B 1 -6.55 -14.14 -31.30
C MET B 1 -7.41 -13.91 -30.06
N GLY B 2 -7.25 -12.72 -29.46
CA GLY B 2 -7.80 -12.41 -28.14
C GLY B 2 -6.69 -12.45 -27.10
N ILE B 3 -6.36 -11.28 -26.55
CA ILE B 3 -5.18 -11.09 -25.69
C ILE B 3 -5.23 -12.07 -24.53
N LEU B 4 -6.45 -12.34 -24.03
CA LEU B 4 -6.65 -13.19 -22.87
C LEU B 4 -6.23 -14.63 -23.18
N GLN B 5 -6.78 -15.19 -24.27
CA GLN B 5 -6.40 -16.52 -24.71
C GLN B 5 -4.90 -16.58 -24.98
N ALA B 6 -4.36 -15.52 -25.59
CA ALA B 6 -2.96 -15.49 -26.01
C ALA B 6 -2.02 -15.57 -24.81
N ASN B 7 -2.46 -15.07 -23.65
CA ASN B 7 -1.61 -14.96 -22.47
C ASN B 7 -2.07 -15.90 -21.36
N ARG B 8 -2.73 -16.98 -21.76
CA ARG B 8 -3.50 -17.83 -20.85
C ARG B 8 -2.57 -18.64 -19.94
N VAL B 9 -1.38 -18.96 -20.44
CA VAL B 9 -0.39 -19.65 -19.63
C VAL B 9 -0.04 -18.78 -18.43
N LEU B 10 0.33 -17.52 -18.67
CA LEU B 10 0.74 -16.62 -17.61
C LEU B 10 -0.42 -16.36 -16.66
N LEU B 11 -1.61 -16.13 -17.21
CA LEU B 11 -2.77 -15.75 -16.42
C LEU B 11 -3.20 -16.88 -15.48
N SER B 12 -3.08 -18.13 -15.92
CA SER B 12 -3.38 -19.27 -15.06
C SER B 12 -2.41 -19.34 -13.88
N ARG B 13 -1.15 -18.94 -14.07
CA ARG B 13 -0.19 -18.87 -12.98
C ARG B 13 -0.56 -17.73 -12.03
N LEU B 14 -0.73 -16.52 -12.60
CA LEU B 14 -0.84 -15.29 -11.81
C LEU B 14 -2.22 -15.20 -11.15
N LEU B 15 -3.25 -15.74 -11.81
CA LEU B 15 -4.62 -15.70 -11.34
C LEU B 15 -5.21 -17.11 -11.44
N PRO B 16 -4.67 -18.08 -10.65
CA PRO B 16 -5.09 -19.48 -10.77
C PRO B 16 -6.59 -19.62 -10.58
N GLY B 17 -7.22 -20.43 -11.44
CA GLY B 17 -8.64 -20.74 -11.29
C GLY B 17 -9.56 -19.63 -11.81
N VAL B 18 -8.96 -18.53 -12.29
CA VAL B 18 -9.73 -17.37 -12.77
C VAL B 18 -9.96 -17.55 -14.26
N GLU B 19 -11.25 -17.56 -14.65
CA GLU B 19 -11.62 -17.65 -16.06
C GLU B 19 -11.06 -16.45 -16.82
N PRO B 20 -10.16 -16.64 -17.81
CA PRO B 20 -9.61 -15.51 -18.56
C PRO B 20 -10.65 -14.66 -19.29
N GLU B 21 -11.70 -15.30 -19.81
CA GLU B 21 -12.73 -14.63 -20.59
C GLU B 21 -13.63 -13.80 -19.68
N GLY B 22 -13.48 -13.94 -18.37
CA GLY B 22 -14.20 -13.12 -17.41
C GLY B 22 -13.47 -11.81 -17.07
N LEU B 23 -12.21 -11.68 -17.50
CA LEU B 23 -11.38 -10.53 -17.14
C LEU B 23 -11.68 -9.38 -18.08
N THR B 24 -10.80 -8.35 -18.05
CA THR B 24 -10.93 -7.15 -18.87
C THR B 24 -9.52 -6.66 -19.20
N VAL B 25 -9.38 -6.09 -20.41
CA VAL B 25 -8.10 -5.58 -20.87
C VAL B 25 -8.28 -4.11 -21.25
N ARG B 26 -7.63 -3.22 -20.48
CA ARG B 26 -7.38 -1.86 -20.94
C ARG B 26 -6.20 -1.91 -21.90
N HIS B 27 -6.31 -1.15 -22.99
CA HIS B 27 -5.29 -1.10 -24.01
C HIS B 27 -4.50 0.20 -23.82
N GLY B 28 -3.29 0.07 -23.28
CA GLY B 28 -2.43 1.22 -23.06
C GLY B 28 -1.58 1.54 -24.29
N GLN B 29 -0.73 2.56 -24.15
CA GLN B 29 0.18 2.96 -25.22
C GLN B 29 1.35 1.97 -25.26
N PHE B 30 1.95 1.73 -24.09
CA PHE B 30 3.12 0.87 -23.96
C PHE B 30 2.70 -0.55 -23.53
N HIS B 31 1.54 -0.68 -22.88
CA HIS B 31 1.22 -1.87 -22.13
C HIS B 31 -0.22 -2.32 -22.40
N GLN B 32 -0.42 -3.63 -22.50
CA GLN B 32 -1.73 -4.24 -22.30
C GLN B 32 -1.91 -4.51 -20.80
N VAL B 33 -3.07 -4.15 -20.23
CA VAL B 33 -3.27 -4.31 -18.81
C VAL B 33 -4.51 -5.18 -18.57
N VAL B 34 -4.28 -6.37 -18.01
CA VAL B 34 -5.36 -7.29 -17.70
C VAL B 34 -5.88 -6.99 -16.29
N ILE B 35 -7.19 -6.73 -16.20
CA ILE B 35 -7.83 -6.29 -14.97
C ILE B 35 -8.48 -7.49 -14.31
N ALA B 36 -8.01 -7.80 -13.08
CA ALA B 36 -8.65 -8.77 -12.21
C ALA B 36 -9.28 -8.02 -11.04
N SER B 37 -9.91 -8.77 -10.12
CA SER B 37 -10.73 -8.16 -9.08
C SER B 37 -9.92 -7.29 -8.13
N ASP B 38 -8.66 -7.66 -7.85
CA ASP B 38 -7.88 -6.92 -6.87
C ASP B 38 -6.49 -6.56 -7.40
N ARG B 39 -6.24 -6.80 -8.68
CA ARG B 39 -4.90 -6.59 -9.22
C ARG B 39 -4.98 -6.60 -10.74
N VAL B 40 -3.93 -6.10 -11.37
CA VAL B 40 -3.83 -6.01 -12.81
C VAL B 40 -2.48 -6.58 -13.23
N VAL B 41 -2.38 -6.97 -14.50
CA VAL B 41 -1.17 -7.56 -15.06
C VAL B 41 -0.76 -6.71 -16.26
N CYS B 42 0.42 -6.09 -16.17
CA CYS B 42 0.92 -5.24 -17.22
C CYS B 42 1.80 -6.06 -18.14
N LEU B 43 1.38 -6.15 -19.40
CA LEU B 43 2.11 -6.84 -20.45
C LEU B 43 2.65 -5.77 -21.41
N PRO B 44 3.97 -5.78 -21.67
CA PRO B 44 4.56 -4.81 -22.58
C PRO B 44 4.29 -5.18 -24.05
N ARG B 45 3.64 -4.27 -24.77
CA ARG B 45 3.35 -4.47 -26.22
C ARG B 45 4.66 -4.56 -26.99
N THR B 46 5.43 -3.48 -26.99
CA THR B 46 6.67 -3.43 -27.76
C THR B 46 7.82 -3.96 -26.92
N ALA B 47 8.97 -4.15 -27.59
CA ALA B 47 10.20 -4.56 -26.93
C ALA B 47 10.90 -3.34 -26.32
N ALA B 48 10.40 -2.13 -26.63
CA ALA B 48 10.80 -0.94 -25.92
C ALA B 48 10.22 -0.96 -24.50
N ALA B 49 8.92 -1.26 -24.40
CA ALA B 49 8.18 -1.21 -23.15
C ALA B 49 8.55 -2.41 -22.27
N ALA B 50 8.93 -3.52 -22.92
CA ALA B 50 9.38 -4.71 -22.21
C ALA B 50 10.77 -4.50 -21.62
N ALA B 51 11.57 -3.63 -22.26
CA ALA B 51 12.91 -3.30 -21.80
C ALA B 51 12.86 -2.39 -20.56
N ARG B 52 11.78 -1.61 -20.44
CA ARG B 52 11.67 -0.63 -19.37
C ARG B 52 10.86 -1.18 -18.20
N LEU B 53 10.26 -2.37 -18.36
CA LEU B 53 9.33 -2.89 -17.38
C LEU B 53 10.02 -3.13 -16.04
N PRO B 54 11.27 -3.66 -15.99
CA PRO B 54 12.02 -3.73 -14.73
C PRO B 54 12.24 -2.38 -14.05
N ARG B 55 12.48 -1.33 -14.86
CA ARG B 55 12.65 0.02 -14.34
C ARG B 55 11.35 0.47 -13.68
N ARG B 56 10.23 0.22 -14.39
CA ARG B 56 8.92 0.69 -13.98
C ARG B 56 8.51 0.07 -12.64
N ALA B 57 8.83 -1.22 -12.45
CA ALA B 57 8.50 -1.92 -11.22
C ALA B 57 9.26 -1.31 -10.04
N ALA B 58 10.54 -0.96 -10.26
CA ALA B 58 11.36 -0.27 -9.27
C ALA B 58 10.74 1.07 -8.87
N VAL B 59 10.23 1.81 -9.85
CA VAL B 59 9.55 3.07 -9.59
C VAL B 59 8.30 2.81 -8.74
N MET B 60 7.50 1.80 -9.10
CA MET B 60 6.23 1.57 -8.41
C MET B 60 6.51 1.14 -6.96
N ARG B 61 7.62 0.41 -6.77
CA ARG B 61 8.01 -0.02 -5.44
C ARG B 61 8.46 1.18 -4.62
N VAL B 62 9.11 2.18 -5.24
CA VAL B 62 9.48 3.41 -4.55
C VAL B 62 8.21 4.16 -4.14
N LEU B 63 7.26 4.30 -5.07
CA LEU B 63 5.98 4.95 -4.79
C LEU B 63 5.22 4.26 -3.65
N ALA B 64 5.30 2.93 -3.60
CA ALA B 64 4.50 2.16 -2.64
C ALA B 64 5.03 2.33 -1.22
N GLY B 65 6.31 2.71 -1.09
CA GLY B 65 6.94 2.95 0.19
C GLY B 65 6.74 4.36 0.75
N LEU B 66 6.24 5.30 -0.08
CA LEU B 66 6.18 6.70 0.29
C LEU B 66 4.94 6.99 1.15
N ASP B 67 5.02 8.11 1.90
CA ASP B 67 3.92 8.57 2.72
C ASP B 67 3.16 9.66 1.96
N LEU B 68 2.12 9.24 1.25
CA LEU B 68 1.34 10.14 0.40
C LEU B 68 -0.03 10.39 1.03
N GLY B 69 -0.32 9.71 2.14
CA GLY B 69 -1.62 9.80 2.78
C GLY B 69 -2.68 8.93 2.12
N CYS B 70 -2.25 8.03 1.21
CA CYS B 70 -3.17 7.17 0.49
C CYS B 70 -2.44 6.00 -0.16
N ARG B 71 -3.20 5.17 -0.89
CA ARG B 71 -2.68 3.97 -1.54
C ARG B 71 -2.12 4.30 -2.93
N THR B 72 -1.20 3.44 -3.39
CA THR B 72 -0.66 3.46 -4.74
C THR B 72 -0.56 2.01 -5.19
N PRO B 73 -0.57 1.72 -6.51
CA PRO B 73 -0.50 0.34 -7.01
C PRO B 73 0.80 -0.34 -6.61
N ARG B 74 0.71 -1.34 -5.74
CA ARG B 74 1.88 -1.98 -5.17
C ARG B 74 2.31 -3.15 -6.05
N PRO B 75 3.60 -3.25 -6.45
CA PRO B 75 4.08 -4.43 -7.16
C PRO B 75 3.88 -5.68 -6.31
N LEU B 76 3.10 -6.64 -6.83
CA LEU B 76 2.91 -7.91 -6.18
C LEU B 76 3.83 -8.98 -6.79
N CYS B 77 4.18 -8.82 -8.07
CA CYS B 77 4.89 -9.86 -8.81
C CYS B 77 5.43 -9.30 -10.13
N GLU B 78 6.63 -9.74 -10.52
CA GLU B 78 7.23 -9.36 -11.80
C GLU B 78 8.01 -10.54 -12.37
N GLY B 79 7.96 -10.70 -13.70
CA GLY B 79 8.66 -11.79 -14.37
C GLY B 79 8.78 -11.56 -15.87
N PRO B 88 7.69 -10.93 -20.33
CA PRO B 88 7.80 -10.26 -19.03
C PRO B 88 6.54 -9.49 -18.66
N PHE B 89 6.29 -9.35 -17.35
CA PHE B 89 5.04 -8.82 -16.84
C PHE B 89 5.28 -8.10 -15.52
N LEU B 90 4.35 -7.22 -15.15
CA LEU B 90 4.29 -6.60 -13.84
C LEU B 90 2.88 -6.71 -13.30
N VAL B 91 2.74 -7.30 -12.10
CA VAL B 91 1.45 -7.38 -11.44
C VAL B 91 1.40 -6.26 -10.40
N LEU B 92 0.33 -5.46 -10.45
CA LEU B 92 0.11 -4.37 -9.52
C LEU B 92 -1.24 -4.57 -8.82
N SER B 93 -1.29 -4.21 -7.53
CA SER B 93 -2.54 -4.16 -6.80
C SER B 93 -3.43 -3.07 -7.40
N ARG B 94 -4.74 -3.32 -7.36
CA ARG B 94 -5.74 -2.36 -7.79
C ARG B 94 -6.14 -1.48 -6.61
N VAL B 95 -6.06 -0.17 -6.80
CA VAL B 95 -6.48 0.79 -5.81
C VAL B 95 -8.02 0.84 -5.81
N PRO B 96 -8.69 0.64 -4.65
CA PRO B 96 -10.15 0.71 -4.59
C PRO B 96 -10.67 2.14 -4.72
N GLY B 97 -12.00 2.24 -4.90
CA GLY B 97 -12.68 3.52 -4.96
C GLY B 97 -12.87 4.00 -6.40
N ALA B 98 -13.51 5.17 -6.53
CA ALA B 98 -13.86 5.73 -7.82
C ALA B 98 -13.47 7.22 -7.90
N PRO B 99 -13.35 7.78 -9.12
CA PRO B 99 -13.17 9.22 -9.26
C PRO B 99 -14.33 9.97 -8.63
N LEU B 100 -14.09 11.21 -8.22
CA LEU B 100 -15.12 12.07 -7.66
C LEU B 100 -15.54 13.09 -8.72
N GLU B 101 -16.84 13.16 -9.02
CA GLU B 101 -17.35 14.13 -9.99
C GLU B 101 -17.13 15.54 -9.43
N ALA B 102 -16.88 16.51 -10.32
CA ALA B 102 -16.76 17.91 -9.93
C ALA B 102 -18.03 18.38 -9.25
N ASP B 103 -19.16 17.74 -9.61
CA ASP B 103 -20.48 18.03 -9.07
C ASP B 103 -20.47 18.01 -7.54
N ALA B 104 -19.76 17.04 -6.96
CA ALA B 104 -19.77 16.83 -5.51
C ALA B 104 -19.15 18.01 -4.77
N LEU B 105 -18.34 18.83 -5.46
CA LEU B 105 -17.64 19.94 -4.84
C LEU B 105 -18.60 21.12 -4.58
N GLU B 106 -19.82 21.04 -5.11
CA GLU B 106 -20.85 22.05 -4.85
C GLU B 106 -21.23 22.07 -3.38
N ASP B 107 -21.15 20.90 -2.72
CA ASP B 107 -21.28 20.82 -1.27
C ASP B 107 -19.96 21.29 -0.63
N SER B 108 -20.02 22.37 0.15
CA SER B 108 -18.82 23.12 0.52
C SER B 108 -18.00 22.38 1.57
N LYS B 109 -18.64 21.56 2.40
CA LYS B 109 -17.93 20.78 3.41
C LYS B 109 -17.23 19.60 2.73
N VAL B 110 -17.85 19.06 1.68
CA VAL B 110 -17.23 18.03 0.86
C VAL B 110 -16.00 18.61 0.16
N ALA B 111 -16.12 19.84 -0.32
CA ALA B 111 -15.04 20.53 -1.01
C ALA B 111 -13.87 20.75 -0.06
N GLU B 112 -14.19 21.17 1.17
CA GLU B 112 -13.22 21.45 2.21
C GLU B 112 -12.38 20.19 2.47
N VAL B 113 -13.10 19.07 2.64
CA VAL B 113 -12.52 17.78 3.00
C VAL B 113 -11.65 17.24 1.87
N VAL B 114 -12.09 17.43 0.63
CA VAL B 114 -11.39 16.86 -0.52
C VAL B 114 -10.13 17.68 -0.78
N ALA B 115 -10.25 19.01 -0.65
CA ALA B 115 -9.13 19.92 -0.76
C ALA B 115 -8.05 19.55 0.26
N ALA B 116 -8.47 19.27 1.50
CA ALA B 116 -7.56 18.90 2.58
C ALA B 116 -6.78 17.64 2.21
N GLN B 117 -7.47 16.66 1.61
CA GLN B 117 -6.85 15.39 1.26
C GLN B 117 -5.89 15.57 0.09
N TYR B 118 -6.22 16.42 -0.89
CA TYR B 118 -5.30 16.74 -1.97
C TYR B 118 -4.02 17.37 -1.43
N VAL B 119 -4.16 18.21 -0.40
CA VAL B 119 -3.05 18.91 0.22
C VAL B 119 -2.07 17.87 0.79
N THR B 120 -2.62 16.88 1.51
CA THR B 120 -1.78 15.86 2.14
C THR B 120 -1.01 15.12 1.04
N LEU B 121 -1.69 14.83 -0.06
CA LEU B 121 -1.08 14.10 -1.17
C LEU B 121 0.07 14.90 -1.77
N LEU B 122 -0.16 16.18 -2.06
CA LEU B 122 0.85 17.01 -2.71
C LEU B 122 2.03 17.23 -1.75
N SER B 123 1.72 17.47 -0.48
CA SER B 123 2.74 17.59 0.56
C SER B 123 3.67 16.37 0.56
N GLY B 124 3.07 15.18 0.54
CA GLY B 124 3.86 13.96 0.58
C GLY B 124 4.71 13.80 -0.68
N LEU B 125 4.13 14.22 -1.81
CA LEU B 125 4.83 14.20 -3.08
C LEU B 125 6.00 15.18 -3.02
N ALA B 126 5.73 16.41 -2.55
CA ALA B 126 6.76 17.42 -2.41
C ALA B 126 7.89 16.90 -1.51
N SER B 127 7.52 16.39 -0.32
CA SER B 127 8.50 15.89 0.64
C SER B 127 9.36 14.79 0.03
N ALA B 128 8.73 13.91 -0.75
CA ALA B 128 9.40 12.74 -1.28
C ALA B 128 10.50 13.16 -2.26
N GLY B 129 10.30 14.30 -2.91
CA GLY B 129 11.27 14.81 -3.87
C GLY B 129 12.66 15.03 -3.28
N ALA B 130 12.73 15.26 -1.97
CA ALA B 130 14.04 15.52 -1.33
C ALA B 130 14.73 14.20 -1.04
N ASP B 131 14.02 13.08 -1.14
CA ASP B 131 14.61 11.74 -0.83
C ASP B 131 15.67 11.38 -1.88
N GLU B 132 16.36 10.24 -1.72
CA GLU B 132 17.42 9.80 -2.66
C GLU B 132 16.95 8.51 -3.30
N LYS B 133 16.46 7.58 -2.49
CA LYS B 133 15.82 6.43 -3.11
C LYS B 133 14.85 6.86 -4.21
N VAL B 134 14.20 8.02 -4.02
CA VAL B 134 13.31 8.57 -5.02
C VAL B 134 14.10 9.13 -6.19
N ARG B 135 15.04 10.04 -5.88
CA ARG B 135 15.66 10.88 -6.89
C ARG B 135 16.50 10.04 -7.85
N ALA B 136 17.05 8.93 -7.35
CA ALA B 136 17.90 8.07 -8.16
C ALA B 136 17.10 6.97 -8.85
N ALA B 137 15.82 6.79 -8.46
CA ALA B 137 14.97 5.78 -9.09
C ALA B 137 14.06 6.39 -10.15
N LEU B 138 13.63 7.64 -9.94
CA LEU B 138 12.60 8.24 -10.78
C LEU B 138 13.22 9.09 -11.89
N PRO B 139 12.57 9.15 -13.08
CA PRO B 139 13.00 10.04 -14.15
C PRO B 139 13.11 11.49 -13.68
N ALA B 140 14.17 12.17 -14.14
CA ALA B 140 14.44 13.55 -13.79
C ALA B 140 15.01 14.27 -15.01
N PRO B 141 14.23 14.40 -16.11
CA PRO B 141 14.77 14.91 -17.38
C PRO B 141 15.10 16.41 -17.34
N GLN B 142 16.10 16.80 -18.14
CA GLN B 142 16.54 18.19 -18.21
C GLN B 142 15.83 18.89 -19.36
N GLY B 143 15.26 20.08 -19.09
CA GLY B 143 14.62 20.89 -20.11
C GLY B 143 13.56 20.14 -20.90
N ARG B 144 12.64 19.48 -20.18
CA ARG B 144 11.56 18.71 -20.80
C ARG B 144 10.62 19.64 -21.57
N TRP B 145 10.54 20.90 -21.13
CA TRP B 145 9.63 21.88 -21.73
C TRP B 145 10.22 22.47 -23.01
N ARG B 146 11.56 22.45 -23.14
CA ARG B 146 12.22 22.93 -24.33
C ARG B 146 12.09 21.86 -25.41
N GLN B 147 12.29 20.61 -25.02
CA GLN B 147 12.14 19.47 -25.90
C GLN B 147 10.69 19.38 -26.40
N PHE B 148 9.75 19.63 -25.50
CA PHE B 148 8.33 19.63 -25.82
C PHE B 148 8.03 20.68 -26.89
N ALA B 149 8.57 21.89 -26.69
CA ALA B 149 8.35 23.01 -27.60
C ALA B 149 8.91 22.68 -28.98
N ALA B 150 10.05 21.99 -29.01
CA ALA B 150 10.67 21.56 -30.26
C ALA B 150 9.79 20.54 -30.97
N ASP B 151 9.15 19.66 -30.19
CA ASP B 151 8.28 18.62 -30.73
C ASP B 151 7.00 19.23 -31.29
N VAL B 152 6.41 20.20 -30.57
CA VAL B 152 5.20 20.88 -31.02
C VAL B 152 5.44 21.60 -32.34
N ARG B 153 6.54 22.36 -32.43
CA ARG B 153 6.85 23.11 -33.63
C ARG B 153 7.00 22.15 -34.82
N ALA B 154 7.75 21.07 -34.60
CA ALA B 154 8.02 20.10 -35.67
C ALA B 154 6.73 19.38 -36.10
N GLU B 155 5.95 18.90 -35.12
CA GLU B 155 4.91 17.93 -35.40
C GLU B 155 3.53 18.56 -35.52
N LEU B 156 3.28 19.71 -34.87
CA LEU B 156 1.93 20.23 -34.74
C LEU B 156 1.72 21.50 -35.56
N PHE B 157 2.70 22.41 -35.59
CA PHE B 157 2.58 23.66 -36.31
C PHE B 157 2.05 23.41 -37.73
N PRO B 158 2.58 22.40 -38.48
CA PRO B 158 2.03 22.06 -39.80
C PRO B 158 0.55 21.68 -39.83
N LEU B 159 -0.06 21.38 -38.66
CA LEU B 159 -1.49 21.08 -38.63
C LEU B 159 -2.30 22.34 -38.32
N MET B 160 -1.61 23.46 -38.07
CA MET B 160 -2.22 24.61 -37.43
C MET B 160 -2.38 25.76 -38.42
N SER B 161 -3.32 26.66 -38.13
CA SER B 161 -3.47 27.93 -38.83
C SER B 161 -2.40 28.91 -38.37
N ASP B 162 -2.26 30.03 -39.08
CA ASP B 162 -1.26 31.04 -38.77
C ASP B 162 -1.52 31.64 -37.39
N GLY B 163 -2.79 31.93 -37.08
CA GLY B 163 -3.17 32.43 -35.77
C GLY B 163 -2.92 31.40 -34.68
N GLY B 164 -3.27 30.13 -34.98
CA GLY B 164 -2.95 29.01 -34.12
C GLY B 164 -1.47 28.95 -33.78
N CYS B 165 -0.61 29.02 -34.81
CA CYS B 165 0.83 28.95 -34.65
C CYS B 165 1.33 30.13 -33.82
N ARG B 166 0.72 31.31 -34.00
CA ARG B 166 1.08 32.48 -33.24
C ARG B 166 0.72 32.27 -31.76
N GLN B 167 -0.49 31.77 -31.49
CA GLN B 167 -0.95 31.57 -30.13
C GLN B 167 -0.10 30.52 -29.43
N ALA B 168 0.15 29.40 -30.10
CA ALA B 168 0.98 28.34 -29.56
C ALA B 168 2.40 28.84 -29.32
N GLU B 169 2.88 29.76 -30.16
CA GLU B 169 4.25 30.24 -30.07
C GLU B 169 4.42 31.12 -28.82
N ARG B 170 3.36 31.84 -28.40
CA ARG B 170 3.38 32.55 -27.13
C ARG B 170 3.48 31.57 -25.97
N GLU B 171 2.71 30.47 -26.05
CA GLU B 171 2.60 29.53 -24.97
C GLU B 171 3.95 28.86 -24.73
N LEU B 172 4.65 28.52 -25.83
CA LEU B 172 5.95 27.86 -25.77
C LEU B 172 7.03 28.84 -25.28
N ALA B 173 6.87 30.12 -25.65
CA ALA B 173 7.78 31.17 -25.19
C ALA B 173 7.74 31.25 -23.67
N ALA B 174 6.52 31.19 -23.10
CA ALA B 174 6.32 31.28 -21.67
C ALA B 174 7.05 30.14 -20.94
N LEU B 175 7.21 28.99 -21.61
CA LEU B 175 7.86 27.82 -21.02
C LEU B 175 9.33 28.09 -20.77
N ASP B 176 9.98 28.85 -21.66
CA ASP B 176 11.38 29.21 -21.49
C ASP B 176 11.59 29.89 -20.14
N SER B 177 10.57 30.64 -19.69
CA SER B 177 10.67 31.45 -18.50
C SER B 177 10.59 30.61 -17.22
N LEU B 178 9.97 29.42 -17.31
CA LEU B 178 9.83 28.54 -16.17
C LEU B 178 11.22 28.21 -15.61
N PRO B 179 11.40 28.17 -14.27
CA PRO B 179 12.58 27.52 -13.68
C PRO B 179 12.45 26.01 -13.86
N ASP B 180 13.55 25.35 -14.21
CA ASP B 180 13.57 23.91 -14.40
C ASP B 180 13.71 23.26 -13.02
N ILE B 181 12.59 23.22 -12.29
CA ILE B 181 12.58 22.77 -10.90
C ILE B 181 12.53 21.25 -10.88
N THR B 182 13.27 20.65 -9.95
CA THR B 182 13.14 19.24 -9.62
C THR B 182 13.05 19.10 -8.10
N GLU B 183 12.05 19.77 -7.52
CA GLU B 183 11.81 19.75 -6.09
C GLU B 183 11.06 18.50 -5.68
N ALA B 184 9.94 18.23 -6.38
CA ALA B 184 8.91 17.34 -5.91
C ALA B 184 8.82 16.10 -6.79
N VAL B 185 8.17 15.05 -6.26
CA VAL B 185 7.67 13.96 -7.09
C VAL B 185 6.41 14.51 -7.77
N VAL B 186 6.36 14.39 -9.10
CA VAL B 186 5.27 14.93 -9.88
C VAL B 186 4.61 13.76 -10.61
N HIS B 187 3.31 13.56 -10.33
CA HIS B 187 2.53 12.51 -10.95
C HIS B 187 2.57 12.70 -12.47
N GLY B 188 2.22 13.91 -12.90
CA GLY B 188 2.38 14.30 -14.30
C GLY B 188 1.07 14.32 -15.07
N ASN B 189 0.03 13.64 -14.54
CA ASN B 189 -1.27 13.54 -15.18
C ASN B 189 -2.35 13.39 -14.10
N LEU B 190 -2.35 14.31 -13.12
CA LEU B 190 -3.15 14.14 -11.92
C LEU B 190 -4.55 14.71 -12.14
N GLY B 191 -5.28 14.11 -13.09
CA GLY B 191 -6.65 14.47 -13.35
C GLY B 191 -7.62 13.73 -12.44
N ALA B 192 -8.89 14.12 -12.52
CA ALA B 192 -9.97 13.60 -11.69
C ALA B 192 -10.04 12.07 -11.72
N GLU B 193 -9.86 11.48 -12.91
CA GLU B 193 -10.04 10.06 -13.11
C GLU B 193 -8.92 9.24 -12.46
N ASN B 194 -7.78 9.90 -12.14
CA ASN B 194 -6.62 9.21 -11.63
C ASN B 194 -6.57 9.25 -10.10
N VAL B 195 -7.58 9.87 -9.47
CA VAL B 195 -7.64 9.98 -8.02
C VAL B 195 -8.96 9.33 -7.58
N LEU B 196 -8.85 8.29 -6.74
CA LEU B 196 -9.96 7.40 -6.42
C LEU B 196 -10.39 7.63 -4.97
N TRP B 197 -11.71 7.51 -4.74
CA TRP B 197 -12.33 7.93 -3.50
C TRP B 197 -13.24 6.84 -2.95
N VAL B 198 -13.36 6.82 -1.63
CA VAL B 198 -14.38 6.04 -0.93
C VAL B 198 -15.56 6.97 -0.64
N ARG B 199 -16.73 6.58 -1.14
CA ARG B 199 -17.94 7.37 -1.04
C ARG B 199 -19.02 6.52 -0.38
N ASP B 200 -20.06 7.19 0.11
CA ASP B 200 -21.19 6.56 0.77
C ASP B 200 -20.78 6.02 2.14
N ASP B 201 -19.72 6.59 2.73
CA ASP B 201 -19.38 6.31 4.12
C ASP B 201 -18.96 7.62 4.77
N GLY B 202 -19.95 8.48 5.00
CA GLY B 202 -19.69 9.85 5.39
C GLY B 202 -19.16 10.65 4.22
N LEU B 203 -18.34 11.67 4.52
CA LEU B 203 -17.76 12.50 3.48
C LEU B 203 -16.68 11.71 2.74
N PRO B 204 -16.35 12.07 1.48
CA PRO B 204 -15.37 11.31 0.69
C PRO B 204 -14.00 11.20 1.35
N ARG B 205 -13.46 9.99 1.28
CA ARG B 205 -12.11 9.73 1.81
C ARG B 205 -11.24 9.23 0.65
N LEU B 206 -10.08 9.85 0.44
CA LEU B 206 -9.12 9.49 -0.58
C LEU B 206 -8.71 8.04 -0.38
N SER B 207 -8.84 7.24 -1.44
CA SER B 207 -8.43 5.85 -1.45
C SER B 207 -6.97 5.75 -1.95
N GLY B 208 -6.70 6.32 -3.13
CA GLY B 208 -5.35 6.32 -3.68
C GLY B 208 -5.27 6.90 -5.09
N VAL B 209 -4.11 6.71 -5.72
CA VAL B 209 -3.79 7.36 -6.99
C VAL B 209 -3.20 6.32 -7.95
N ILE B 210 -3.55 6.45 -9.24
CA ILE B 210 -3.22 5.46 -10.26
C ILE B 210 -2.66 6.20 -11.48
N ASP B 211 -2.24 5.42 -12.49
CA ASP B 211 -1.69 5.91 -13.74
C ASP B 211 -0.47 6.78 -13.49
N TRP B 212 0.60 6.17 -12.99
CA TRP B 212 1.85 6.87 -12.69
C TRP B 212 2.81 6.84 -13.86
N ASP B 213 2.30 6.59 -15.07
CA ASP B 213 3.14 6.47 -16.26
C ASP B 213 4.07 7.67 -16.42
N GLU B 214 3.60 8.88 -16.08
CA GLU B 214 4.34 10.09 -16.38
C GLU B 214 5.16 10.56 -15.17
N VAL B 215 5.31 9.72 -14.13
CA VAL B 215 5.85 10.18 -12.86
C VAL B 215 7.32 10.59 -13.04
N SER B 216 7.70 11.71 -12.39
CA SER B 216 9.06 12.20 -12.43
C SER B 216 9.39 13.02 -11.19
N ILE B 217 10.64 13.46 -11.11
CA ILE B 217 11.04 14.58 -10.26
C ILE B 217 10.93 15.85 -11.09
N GLY B 218 10.10 16.79 -10.63
CA GLY B 218 9.90 18.03 -11.35
C GLY B 218 9.25 19.09 -10.46
N ASP B 219 8.41 19.92 -11.10
CA ASP B 219 7.75 21.05 -10.50
C ASP B 219 6.30 20.66 -10.15
N PRO B 220 5.87 20.80 -8.87
CA PRO B 220 4.50 20.44 -8.47
C PRO B 220 3.40 21.28 -9.12
N ALA B 221 3.77 22.46 -9.62
CA ALA B 221 2.86 23.32 -10.36
C ALA B 221 2.11 22.52 -11.43
N GLU B 222 2.76 21.45 -11.91
CA GLU B 222 2.22 20.56 -12.92
C GLU B 222 1.03 19.77 -12.37
N ASP B 223 1.18 19.26 -11.14
CA ASP B 223 0.12 18.49 -10.51
C ASP B 223 -1.02 19.43 -10.17
N LEU B 224 -0.67 20.62 -9.70
CA LEU B 224 -1.64 21.64 -9.36
C LEU B 224 -2.41 22.08 -10.61
N ALA B 225 -1.70 22.29 -11.71
CA ALA B 225 -2.37 22.68 -12.94
C ALA B 225 -3.42 21.63 -13.33
N ALA B 226 -3.05 20.35 -13.18
CA ALA B 226 -3.89 19.23 -13.55
C ALA B 226 -5.19 19.22 -12.74
N ILE B 227 -5.06 19.49 -11.43
CA ILE B 227 -6.20 19.54 -10.53
C ILE B 227 -7.14 20.66 -10.97
N GLY B 228 -6.55 21.81 -11.27
CA GLY B 228 -7.29 22.98 -11.73
C GLY B 228 -8.01 22.72 -13.05
N ALA B 229 -7.37 21.94 -13.93
CA ALA B 229 -7.97 21.55 -15.20
C ALA B 229 -9.19 20.65 -14.96
N GLY B 230 -9.09 19.74 -13.99
CA GLY B 230 -10.13 18.75 -13.78
C GLY B 230 -11.34 19.32 -13.02
N TYR B 231 -11.14 20.38 -12.25
CA TYR B 231 -12.10 20.82 -11.25
C TYR B 231 -12.30 22.34 -11.21
N GLY B 232 -11.53 23.11 -12.00
CA GLY B 232 -11.74 24.55 -12.11
C GLY B 232 -10.93 25.33 -11.07
N LYS B 233 -10.91 26.67 -11.22
CA LYS B 233 -9.99 27.52 -10.48
C LYS B 233 -10.43 27.70 -9.03
N ASP B 234 -11.74 27.81 -8.78
CA ASP B 234 -12.24 27.95 -7.43
C ASP B 234 -11.65 26.83 -6.56
N PHE B 235 -11.89 25.58 -6.96
CA PHE B 235 -11.41 24.44 -6.19
C PHE B 235 -9.89 24.47 -6.09
N LEU B 236 -9.19 24.82 -7.18
CA LEU B 236 -7.73 24.86 -7.13
C LEU B 236 -7.26 25.92 -6.13
N ASP B 237 -7.94 27.07 -6.06
CA ASP B 237 -7.59 28.15 -5.16
C ASP B 237 -7.74 27.70 -3.71
N GLN B 238 -8.77 26.90 -3.45
CA GLN B 238 -9.01 26.34 -2.13
C GLN B 238 -7.84 25.45 -1.71
N VAL B 239 -7.33 24.67 -2.66
CA VAL B 239 -6.17 23.82 -2.41
C VAL B 239 -4.93 24.69 -2.24
N LEU B 240 -4.78 25.70 -3.11
CA LEU B 240 -3.59 26.54 -3.06
C LEU B 240 -3.49 27.25 -1.71
N THR B 241 -4.64 27.63 -1.14
CA THR B 241 -4.64 28.44 0.06
C THR B 241 -4.45 27.55 1.29
N LEU B 242 -5.12 26.39 1.32
CA LEU B 242 -4.94 25.41 2.38
C LEU B 242 -3.47 24.98 2.49
N GLY B 243 -2.83 24.77 1.34
CA GLY B 243 -1.47 24.28 1.29
C GLY B 243 -0.44 25.40 1.36
N GLY B 244 -0.89 26.65 1.36
CA GLY B 244 0.03 27.78 1.39
C GLY B 244 0.89 27.83 0.15
N TRP B 245 0.25 27.63 -1.02
CA TRP B 245 0.93 27.69 -2.30
C TRP B 245 0.28 28.75 -3.20
N SER B 246 -0.46 29.71 -2.60
CA SER B 246 -1.23 30.67 -3.38
C SER B 246 -0.42 31.94 -3.67
N ASP B 247 0.91 31.80 -3.80
CA ASP B 247 1.79 32.93 -4.11
C ASP B 247 1.76 33.22 -5.62
N ARG B 248 2.39 34.35 -6.02
CA ARG B 248 2.35 34.84 -7.39
C ARG B 248 3.22 33.98 -8.31
N ARG B 249 4.42 33.62 -7.85
CA ARG B 249 5.38 32.93 -8.70
C ARG B 249 4.95 31.48 -8.94
N MET B 250 4.13 30.93 -8.05
CA MET B 250 3.52 29.62 -8.26
C MET B 250 2.39 29.75 -9.28
N ALA B 251 1.53 30.75 -9.08
CA ALA B 251 0.39 31.02 -9.95
C ALA B 251 0.83 31.10 -11.41
N THR B 252 1.97 31.78 -11.64
CA THR B 252 2.56 31.97 -12.96
C THR B 252 2.96 30.63 -13.57
N ARG B 253 3.68 29.82 -12.78
CA ARG B 253 4.11 28.50 -13.23
C ARG B 253 2.89 27.64 -13.56
N ILE B 254 1.86 27.66 -12.70
CA ILE B 254 0.66 26.90 -12.93
C ILE B 254 0.06 27.28 -14.29
N ALA B 255 -0.16 28.58 -14.49
CA ALA B 255 -0.86 29.08 -15.67
C ALA B 255 -0.09 28.68 -16.94
N THR B 256 1.23 28.84 -16.91
CA THR B 256 2.10 28.53 -18.04
C THR B 256 2.00 27.06 -18.42
N ILE B 257 2.02 26.19 -17.42
CA ILE B 257 1.97 24.75 -17.66
C ILE B 257 0.54 24.34 -18.04
N ARG B 258 -0.45 24.98 -17.45
CA ARG B 258 -1.87 24.65 -17.76
C ARG B 258 -2.12 24.93 -19.24
N ALA B 259 -1.45 25.93 -19.79
CA ALA B 259 -1.69 26.32 -21.18
C ALA B 259 -1.04 25.37 -22.18
N THR B 260 -0.34 24.33 -21.71
CA THR B 260 0.28 23.37 -22.62
C THR B 260 -0.54 22.09 -22.73
N PHE B 261 -1.67 22.04 -22.03
CA PHE B 261 -2.40 20.79 -21.84
C PHE B 261 -3.08 20.34 -23.13
N ALA B 262 -3.65 21.29 -23.88
CA ALA B 262 -4.31 20.97 -25.13
C ALA B 262 -3.27 20.51 -26.14
N LEU B 263 -2.11 21.19 -26.14
CA LEU B 263 -0.99 20.89 -27.03
C LEU B 263 -0.32 19.58 -26.68
N GLN B 264 -0.24 19.25 -25.38
CA GLN B 264 0.26 17.94 -24.98
C GLN B 264 -0.66 16.86 -25.53
N GLN B 265 -1.98 17.05 -25.38
CA GLN B 265 -2.95 16.09 -25.86
C GLN B 265 -2.80 15.88 -27.36
N ALA B 266 -2.64 16.98 -28.10
CA ALA B 266 -2.53 16.92 -29.55
C ALA B 266 -1.25 16.16 -29.93
N LEU B 267 -0.13 16.50 -29.28
CA LEU B 267 1.14 15.91 -29.63
C LEU B 267 1.09 14.40 -29.48
N SER B 268 0.44 13.91 -28.41
CA SER B 268 0.32 12.48 -28.18
C SER B 268 -0.71 11.87 -29.13
N ALA B 269 -1.75 12.63 -29.48
CA ALA B 269 -2.78 12.17 -30.41
C ALA B 269 -2.22 12.08 -31.83
N CYS B 270 -1.26 12.96 -32.14
CA CYS B 270 -0.57 12.99 -33.42
C CYS B 270 0.25 11.70 -33.58
N ARG B 271 0.96 11.33 -32.51
CA ARG B 271 1.81 10.15 -32.52
C ARG B 271 0.99 8.87 -32.40
N ASP B 272 -0.21 8.98 -31.80
CA ASP B 272 -1.10 7.84 -31.59
C ASP B 272 -1.75 7.37 -32.88
N GLY B 273 -2.06 8.31 -33.78
CA GLY B 273 -3.06 8.08 -34.81
C GLY B 273 -4.47 8.09 -34.20
N ASP B 274 -4.65 8.88 -33.14
CA ASP B 274 -5.92 9.04 -32.46
C ASP B 274 -6.50 10.40 -32.85
N GLU B 275 -7.29 10.41 -33.93
CA GLU B 275 -7.63 11.65 -34.64
C GLU B 275 -8.66 12.46 -33.87
N GLU B 276 -9.46 11.81 -33.01
CA GLU B 276 -10.46 12.51 -32.22
C GLU B 276 -9.77 13.36 -31.15
N GLU B 277 -8.76 12.76 -30.49
CA GLU B 277 -7.97 13.46 -29.49
C GLU B 277 -7.20 14.60 -30.14
N LEU B 278 -6.73 14.37 -31.38
CA LEU B 278 -5.96 15.36 -32.11
C LEU B 278 -6.85 16.55 -32.47
N ALA B 279 -8.07 16.28 -32.94
CA ALA B 279 -9.01 17.32 -33.31
C ALA B 279 -9.42 18.13 -32.08
N ASP B 280 -9.78 17.41 -31.02
CA ASP B 280 -10.15 18.04 -29.76
C ASP B 280 -9.00 18.92 -29.29
N GLY B 281 -7.78 18.34 -29.28
CA GLY B 281 -6.59 19.03 -28.80
C GLY B 281 -6.28 20.31 -29.56
N LEU B 282 -6.47 20.27 -30.89
CA LEU B 282 -6.09 21.37 -31.77
C LEU B 282 -7.21 22.40 -31.90
N THR B 283 -8.31 22.24 -31.15
CA THR B 283 -9.51 23.06 -31.33
C THR B 283 -9.18 24.55 -31.34
N GLY B 284 -8.22 24.99 -30.52
CA GLY B 284 -7.90 26.40 -30.48
C GLY B 284 -7.05 26.87 -31.66
N TYR B 285 -6.30 25.95 -32.27
CA TYR B 285 -5.09 26.33 -32.98
C TYR B 285 -5.24 26.19 -34.50
N ARG B 286 -6.48 25.95 -34.97
CA ARG B 286 -6.73 25.81 -36.39
C ARG B 286 -8.20 26.11 -36.69
N ALA C 6 -2.27 14.02 -20.02
CA ALA C 6 -3.05 13.44 -21.10
C ALA C 6 -4.46 14.03 -21.08
#